data_3X2P
#
_entry.id   3X2P
#
_cell.length_a   46.478
_cell.length_b   58.635
_cell.length_c   64.744
_cell.angle_alpha   90.00
_cell.angle_beta   90.00
_cell.angle_gamma   90.00
#
_symmetry.space_group_name_H-M   'P 21 21 21'
#
loop_
_entity.id
_entity.type
_entity.pdbx_description
1 polymer 'Endoglucanase V-like protein'
2 branched beta-D-glucopyranose-(1-4)-beta-D-glucopyranose-(1-4)-beta-D-glucopyranose-(1-4)-beta-D-glucopyranose-(1-4)-beta-D-glucopyranose
3 water water
#
_entity_poly.entity_id   1
_entity_poly.type   'polypeptide(L)'
_entity_poly.pdbx_seq_one_letter_code
;ATGGYVQQATGQASFTMYSGCGSPACGKAASGFTAAINQLAFGSAPGLGAGDACGRCFALTGNHDPYSPNYTGPFGQTIV
VKVTDLCPVQG(41Q)QEFCGQTTSNPTNQHGMPFHFDICEDTGGSAKFFPSGHGALTGTFTEVSCSQWSGSDGGQLWNG
ACLSGETAPNWPSTACGNKGTAPS
;
_entity_poly.pdbx_strand_id   A
#
# COMPACT_ATOMS: atom_id res chain seq x y z
N ALA A 1 13.99 -8.03 -5.31
CA ALA A 1 13.44 -9.26 -4.76
C ALA A 1 13.17 -10.21 -5.92
N THR A 2 12.86 -11.46 -5.61
CA THR A 2 12.54 -12.44 -6.61
C THR A 2 11.47 -11.90 -7.54
N GLY A 3 11.70 -12.06 -8.86
CA GLY A 3 10.82 -11.53 -9.88
C GLY A 3 11.19 -10.13 -10.36
N GLY A 4 12.19 -9.53 -9.73
CA GLY A 4 12.61 -8.18 -10.08
C GLY A 4 11.82 -7.09 -9.39
N TYR A 5 10.93 -7.46 -8.47
CA TYR A 5 10.14 -6.49 -7.73
C TYR A 5 11.05 -5.69 -6.79
N VAL A 6 10.67 -4.43 -6.56
CA VAL A 6 11.40 -3.51 -5.69
C VAL A 6 10.64 -3.39 -4.38
N GLN A 7 11.17 -4.05 -3.36
CA GLN A 7 10.51 -4.23 -2.08
C GLN A 7 11.49 -3.84 -1.00
N GLN A 8 11.31 -2.63 -0.48
N GLN A 8 11.35 -2.62 -0.50
CA GLN A 8 12.21 -2.04 0.51
CA GLN A 8 12.25 -2.06 0.51
C GLN A 8 11.38 -1.68 1.74
C GLN A 8 11.41 -1.66 1.72
N ALA A 9 12.00 -1.79 2.90
CA ALA A 9 11.28 -1.55 4.16
C ALA A 9 11.05 -0.08 4.44
N THR A 10 11.80 0.82 3.82
CA THR A 10 11.59 2.23 4.03
C THR A 10 11.91 2.96 2.74
N GLY A 11 11.30 4.13 2.60
CA GLY A 11 11.55 4.93 1.42
C GLY A 11 10.61 6.11 1.32
N GLN A 12 10.62 6.71 0.15
CA GLN A 12 9.73 7.79 -0.20
C GLN A 12 8.56 7.26 -1.03
N ALA A 13 7.39 7.83 -0.80
CA ALA A 13 6.19 7.41 -1.49
C ALA A 13 5.26 8.57 -1.76
N SER A 14 4.42 8.39 -2.76
CA SER A 14 3.20 9.17 -2.91
C SER A 14 2.00 8.42 -2.33
N PHE A 15 0.93 9.17 -2.13
CA PHE A 15 -0.26 8.72 -1.44
C PHE A 15 -1.50 9.29 -2.09
N THR A 16 -2.48 8.42 -2.31
CA THR A 16 -3.83 8.82 -2.73
C THR A 16 -4.83 8.03 -1.87
N MET A 17 -6.13 8.24 -2.13
CA MET A 17 -7.18 7.46 -1.53
C MET A 17 -8.05 6.81 -2.60
N TYR A 18 -8.65 5.69 -2.24
CA TYR A 18 -9.56 4.98 -3.11
C TYR A 18 -10.73 4.42 -2.34
N SER A 19 -11.79 4.09 -3.07
N SER A 19 -11.80 4.13 -3.07
CA SER A 19 -12.98 3.49 -2.55
CA SER A 19 -13.04 3.58 -2.52
C SER A 19 -13.13 2.07 -3.01
C SER A 19 -13.34 2.16 -3.02
N GLY A 20 -13.66 1.25 -2.10
CA GLY A 20 -14.06 -0.10 -2.44
C GLY A 20 -12.93 -1.10 -2.31
N CYS A 21 -12.57 -1.42 -1.07
CA CYS A 21 -11.46 -2.33 -0.83
C CYS A 21 -11.91 -3.66 -0.23
N GLY A 22 -13.16 -4.03 -0.43
CA GLY A 22 -13.70 -5.26 0.13
C GLY A 22 -13.35 -6.58 -0.53
N SER A 23 -12.85 -6.52 -1.76
N SER A 23 -12.89 -6.51 -1.77
N SER A 23 -12.87 -6.50 -1.76
CA SER A 23 -12.41 -7.72 -2.45
CA SER A 23 -12.41 -7.70 -2.47
CA SER A 23 -12.42 -7.67 -2.53
C SER A 23 -11.05 -7.48 -3.12
C SER A 23 -11.07 -7.36 -3.12
C SER A 23 -11.06 -7.36 -3.14
N PRO A 24 -10.02 -7.30 -2.30
CA PRO A 24 -8.71 -6.85 -2.74
C PRO A 24 -7.83 -7.98 -3.27
N ALA A 25 -6.73 -7.57 -3.91
CA ALA A 25 -5.87 -8.48 -4.64
C ALA A 25 -5.18 -9.55 -3.80
N CYS A 26 -4.99 -9.30 -2.50
CA CYS A 26 -4.41 -10.33 -1.64
C CYS A 26 -5.40 -11.46 -1.32
N GLY A 27 -6.69 -11.21 -1.53
CA GLY A 27 -7.72 -12.23 -1.36
C GLY A 27 -8.35 -12.27 0.03
N LYS A 28 -7.96 -11.35 0.89
CA LYS A 28 -8.59 -11.11 2.19
C LYS A 28 -8.60 -9.63 2.44
N ALA A 29 -9.74 -9.11 2.86
CA ALA A 29 -9.82 -7.74 3.35
C ALA A 29 -9.49 -7.72 4.83
N ALA A 30 -9.58 -6.53 5.41
CA ALA A 30 -9.33 -6.36 6.84
C ALA A 30 -10.11 -5.18 7.35
N SER A 31 -10.46 -5.21 8.63
N SER A 31 -10.43 -5.20 8.63
CA SER A 31 -11.26 -4.15 9.21
CA SER A 31 -11.28 -4.17 9.23
C SER A 31 -10.51 -2.90 9.62
C SER A 31 -10.52 -2.89 9.59
N GLY A 32 -9.20 -2.98 9.75
CA GLY A 32 -8.42 -1.82 10.11
C GLY A 32 -8.09 -0.95 8.89
N PHE A 33 -7.16 -0.04 9.07
CA PHE A 33 -6.72 0.78 7.96
C PHE A 33 -5.91 -0.06 6.99
N THR A 34 -6.24 0.05 5.70
CA THR A 34 -5.59 -0.75 4.68
C THR A 34 -5.20 0.11 3.49
N ALA A 35 -4.27 -0.42 2.72
CA ALA A 35 -3.82 0.23 1.50
C ALA A 35 -3.54 -0.77 0.40
N ALA A 36 -3.56 -0.22 -0.82
CA ALA A 36 -2.99 -0.86 -1.97
C ALA A 36 -1.58 -0.28 -2.19
N ILE A 37 -0.68 -1.09 -2.70
CA ILE A 37 0.68 -0.61 -3.03
C ILE A 37 0.92 -0.83 -4.52
N ASN A 38 1.76 0.03 -5.10
CA ASN A 38 2.03 -0.07 -6.52
C ASN A 38 2.59 -1.46 -6.91
N GLN A 39 2.28 -1.87 -8.14
CA GLN A 39 2.61 -3.19 -8.66
C GLN A 39 4.08 -3.60 -8.48
N LEU A 40 5.01 -2.67 -8.76
CA LEU A 40 6.43 -2.98 -8.68
C LEU A 40 6.84 -3.42 -7.26
N ALA A 41 6.12 -2.92 -6.23
CA ALA A 41 6.36 -3.31 -4.85
C ALA A 41 5.40 -4.43 -4.36
N PHE A 42 4.25 -4.58 -4.99
CA PHE A 42 3.25 -5.52 -4.51
C PHE A 42 3.78 -6.96 -4.66
N GLY A 43 4.44 -7.25 -5.78
CA GLY A 43 4.97 -8.58 -6.01
C GLY A 43 4.07 -9.52 -6.79
N SER A 44 3.13 -8.99 -7.55
CA SER A 44 2.25 -9.79 -8.39
C SER A 44 1.67 -8.89 -9.46
N ALA A 45 0.90 -9.49 -10.34
CA ALA A 45 0.24 -8.78 -11.42
C ALA A 45 -1.26 -9.04 -11.30
N PRO A 46 -2.09 -8.20 -11.92
CA PRO A 46 -3.53 -8.48 -11.88
C PRO A 46 -3.85 -9.88 -12.32
N GLY A 47 -4.65 -10.59 -11.54
CA GLY A 47 -5.04 -11.95 -11.89
C GLY A 47 -4.13 -13.06 -11.40
N LEU A 48 -2.97 -12.76 -10.84
CA LEU A 48 -2.04 -13.79 -10.38
C LEU A 48 -2.08 -13.99 -8.88
N GLY A 49 -2.93 -13.25 -8.19
CA GLY A 49 -3.06 -13.41 -6.76
C GLY A 49 -2.09 -12.62 -5.91
N ALA A 50 -1.87 -13.11 -4.69
CA ALA A 50 -1.15 -12.39 -3.67
C ALA A 50 0.32 -12.25 -4.03
N GLY A 51 0.90 -11.11 -3.72
CA GLY A 51 2.34 -10.91 -3.76
C GLY A 51 2.90 -10.72 -2.35
N ASP A 52 4.22 -10.54 -2.26
CA ASP A 52 4.85 -10.55 -0.96
C ASP A 52 4.56 -9.31 -0.10
N ALA A 53 3.99 -8.26 -0.69
CA ALA A 53 3.55 -7.14 0.14
C ALA A 53 2.37 -7.51 1.04
N CYS A 54 1.62 -8.54 0.68
CA CYS A 54 0.36 -8.82 1.34
C CYS A 54 0.49 -9.10 2.83
N GLY A 55 -0.24 -8.30 3.60
CA GLY A 55 -0.31 -8.43 5.04
C GLY A 55 0.70 -7.61 5.80
N ARG A 56 1.71 -7.06 5.12
CA ARG A 56 2.72 -6.27 5.79
C ARG A 56 2.14 -4.94 6.25
N CYS A 57 2.71 -4.41 7.32
CA CYS A 57 2.25 -3.18 7.96
C CYS A 57 3.28 -2.08 7.80
N PHE A 58 2.80 -0.87 7.48
CA PHE A 58 3.67 0.26 7.22
C PHE A 58 3.10 1.51 7.89
N ALA A 59 4.00 2.30 8.47
CA ALA A 59 3.69 3.63 8.96
C ALA A 59 3.92 4.63 7.84
N LEU A 60 2.91 5.43 7.57
CA LEU A 60 2.89 6.38 6.46
C LEU A 60 2.88 7.82 7.01
N THR A 61 3.69 8.70 6.42
CA THR A 61 3.76 10.11 6.81
C THR A 61 3.78 10.98 5.58
N GLY A 62 2.82 11.89 5.50
CA GLY A 62 2.78 12.86 4.41
C GLY A 62 3.46 14.15 4.80
N ASN A 63 4.18 14.77 3.87
CA ASN A 63 4.85 16.03 4.16
C ASN A 63 4.89 17.04 3.01
N HIS A 64 4.11 16.82 1.97
N HIS A 64 4.15 16.77 1.95
CA HIS A 64 4.12 17.66 0.79
CA HIS A 64 4.08 17.69 0.81
C HIS A 64 2.88 17.40 -0.05
C HIS A 64 2.84 17.40 -0.01
N ASP A 65 2.26 18.47 -0.55
CA ASP A 65 1.15 18.37 -1.50
C ASP A 65 1.69 18.79 -2.86
N PRO A 66 1.90 17.83 -3.78
CA PRO A 66 2.51 18.16 -5.06
C PRO A 66 1.65 19.04 -5.97
N TYR A 67 0.35 19.07 -5.73
CA TYR A 67 -0.55 19.92 -6.51
C TYR A 67 -0.65 21.34 -5.96
N SER A 68 -0.19 21.55 -4.74
CA SER A 68 -0.19 22.88 -4.12
C SER A 68 1.11 23.08 -3.36
N PRO A 69 2.20 23.32 -4.09
CA PRO A 69 3.53 23.33 -3.48
C PRO A 69 3.78 24.43 -2.46
N ASN A 70 2.90 25.43 -2.43
CA ASN A 70 3.01 26.51 -1.45
C ASN A 70 2.41 26.15 -0.10
N TYR A 71 1.66 25.05 -0.06
CA TYR A 71 1.05 24.58 1.18
C TYR A 71 2.11 24.02 2.13
N THR A 72 2.21 24.61 3.33
CA THR A 72 3.22 24.16 4.29
C THR A 72 2.69 23.33 5.47
N GLY A 73 1.40 23.05 5.46
CA GLY A 73 0.77 22.29 6.50
C GLY A 73 -0.53 22.95 6.90
N PRO A 74 -1.23 22.35 7.86
CA PRO A 74 -0.75 21.12 8.45
C PRO A 74 -1.07 19.93 7.56
N PHE A 75 -0.39 18.82 7.82
CA PHE A 75 -0.68 17.58 7.15
C PHE A 75 -1.45 16.72 8.14
N GLY A 76 -1.63 15.47 7.81
CA GLY A 76 -2.45 14.60 8.63
C GLY A 76 -1.64 13.91 9.69
N GLN A 77 -2.21 12.84 10.23
CA GLN A 77 -1.53 12.02 11.20
C GLN A 77 -0.71 10.97 10.44
N THR A 78 0.33 10.50 11.09
CA THR A 78 0.96 9.27 10.67
C THR A 78 0.02 8.14 11.04
N ILE A 79 -0.20 7.24 10.07
CA ILE A 79 -1.07 6.08 10.29
C ILE A 79 -0.33 4.81 9.95
N VAL A 80 -0.77 3.70 10.52
CA VAL A 80 -0.26 2.40 10.20
C VAL A 80 -1.32 1.66 9.40
N VAL A 81 -0.95 1.25 8.18
CA VAL A 81 -1.81 0.46 7.31
C VAL A 81 -1.29 -0.96 7.18
N LYS A 82 -2.20 -1.87 6.86
CA LYS A 82 -1.89 -3.19 6.38
C LYS A 82 -2.13 -3.21 4.89
N VAL A 83 -1.18 -3.71 4.12
CA VAL A 83 -1.37 -3.83 2.67
C VAL A 83 -2.21 -5.05 2.37
N THR A 84 -3.34 -4.79 1.68
CA THR A 84 -4.23 -5.86 1.27
C THR A 84 -4.45 -5.89 -0.25
N ASP A 85 -3.92 -4.90 -0.99
CA ASP A 85 -4.37 -4.68 -2.35
C ASP A 85 -3.25 -4.17 -3.25
N LEU A 86 -3.54 -4.19 -4.54
CA LEU A 86 -2.63 -3.85 -5.62
C LEU A 86 -3.12 -2.60 -6.34
N CYS A 87 -2.19 -1.66 -6.56
CA CYS A 87 -2.40 -0.52 -7.46
C CYS A 87 -1.64 -0.82 -8.74
N PRO A 88 -2.34 -1.29 -9.79
CA PRO A 88 -1.63 -1.79 -10.98
C PRO A 88 -1.09 -0.66 -11.85
N VAL A 89 -0.07 -0.97 -12.61
CA VAL A 89 0.46 -0.04 -13.60
C VAL A 89 -0.63 0.41 -14.57
N GLN A 90 -1.36 -0.56 -15.11
CA GLN A 90 -2.40 -0.26 -16.08
C GLN A 90 -3.53 0.55 -15.45
N GLY A 91 -3.83 1.69 -16.06
CA GLY A 91 -4.87 2.57 -15.57
C GLY A 91 -4.47 3.55 -14.47
N GLN A 93 -1.13 5.32 -14.33
N GLN A 93 -1.15 5.34 -14.33
CA GLN A 93 0.24 5.69 -14.71
CA GLN A 93 0.21 5.70 -14.74
C GLN A 93 0.84 6.74 -13.78
C GLN A 93 0.87 6.82 -13.93
N GLU A 94 0.08 7.81 -13.52
CA GLU A 94 0.58 8.94 -12.75
C GLU A 94 1.24 8.49 -11.44
N PHE A 95 0.57 7.60 -10.72
CA PHE A 95 0.99 7.23 -9.37
C PHE A 95 1.57 5.83 -9.24
N CYS A 96 1.09 4.86 -10.01
CA CYS A 96 1.47 3.46 -9.80
C CYS A 96 2.22 2.86 -10.98
N GLY A 97 2.71 3.72 -11.87
CA GLY A 97 3.39 3.29 -13.09
C GLY A 97 4.86 2.92 -13.01
N GLN A 98 5.41 2.75 -11.82
CA GLN A 98 6.81 2.38 -11.66
C GLN A 98 7.06 1.02 -12.29
N THR A 99 8.15 0.93 -13.08
CA THR A 99 8.54 -0.34 -13.71
C THR A 99 10.03 -0.53 -13.50
N THR A 100 10.56 -1.67 -13.90
CA THR A 100 11.99 -1.90 -13.67
C THR A 100 12.86 -0.95 -14.50
N SER A 101 12.37 -0.49 -15.65
CA SER A 101 13.13 0.40 -16.51
C SER A 101 12.92 1.88 -16.16
N ASN A 102 11.83 2.18 -15.45
CA ASN A 102 11.58 3.53 -14.95
C ASN A 102 10.94 3.42 -13.59
N PRO A 103 11.77 3.29 -12.56
CA PRO A 103 11.19 2.92 -11.27
C PRO A 103 10.63 4.05 -10.44
N THR A 104 10.34 5.21 -11.03
CA THR A 104 9.67 6.29 -10.34
C THR A 104 8.42 6.69 -11.12
N ASN A 105 7.42 7.22 -10.39
CA ASN A 105 6.19 7.69 -10.99
C ASN A 105 6.33 9.17 -11.41
N GLN A 106 5.23 9.79 -11.80
CA GLN A 106 5.30 11.12 -12.36
C GLN A 106 5.65 12.18 -11.35
N HIS A 107 5.59 11.81 -10.07
CA HIS A 107 5.97 12.71 -8.97
C HIS A 107 7.34 12.38 -8.38
N GLY A 108 8.09 11.52 -9.05
CA GLY A 108 9.43 11.19 -8.66
C GLY A 108 9.51 10.15 -7.56
N MET A 109 8.41 9.49 -7.24
CA MET A 109 8.39 8.59 -6.10
C MET A 109 8.50 7.13 -6.55
N PRO A 110 9.35 6.36 -5.87
CA PRO A 110 9.53 4.95 -6.23
C PRO A 110 8.45 4.00 -5.70
N PHE A 111 7.63 4.47 -4.77
CA PHE A 111 6.55 3.68 -4.19
C PHE A 111 5.28 4.53 -4.14
N HIS A 112 4.14 3.87 -4.10
CA HIS A 112 2.85 4.52 -3.95
C HIS A 112 1.95 3.71 -3.05
N PHE A 113 1.29 4.38 -2.11
CA PHE A 113 0.23 3.75 -1.29
C PHE A 113 -1.11 4.44 -1.59
N ASP A 114 -2.09 3.64 -1.92
CA ASP A 114 -3.47 4.08 -2.17
C ASP A 114 -4.25 3.65 -0.93
N ILE A 115 -4.66 4.60 -0.12
CA ILE A 115 -5.23 4.32 1.19
C ILE A 115 -6.75 4.13 1.03
N CYS A 116 -7.29 3.04 1.55
CA CYS A 116 -8.71 2.75 1.42
C CYS A 116 -9.54 3.70 2.29
N GLU A 117 -10.53 4.33 1.67
CA GLU A 117 -11.39 5.28 2.37
C GLU A 117 -12.38 4.55 3.29
N ASP A 118 -12.84 3.38 2.86
CA ASP A 118 -13.99 2.70 3.45
C ASP A 118 -13.87 2.53 4.97
N THR A 119 -12.69 2.12 5.43
CA THR A 119 -12.47 1.76 6.81
C THR A 119 -11.83 2.87 7.66
N GLY A 120 -11.69 4.06 7.08
CA GLY A 120 -11.33 5.24 7.86
C GLY A 120 -9.90 5.75 7.73
N GLY A 121 -9.03 5.06 7.03
CA GLY A 121 -7.64 5.47 7.02
C GLY A 121 -7.41 6.80 6.36
N SER A 122 -8.12 7.07 5.27
N SER A 122 -8.15 7.04 5.26
N SER A 122 -8.14 7.04 5.26
CA SER A 122 -7.85 8.30 4.55
CA SER A 122 -8.00 8.28 4.50
CA SER A 122 -8.00 8.27 4.49
C SER A 122 -8.31 9.54 5.32
C SER A 122 -8.27 9.49 5.38
C SER A 122 -8.28 9.49 5.36
N ALA A 123 -9.34 9.42 6.15
CA ALA A 123 -9.80 10.56 6.97
C ALA A 123 -8.80 10.96 8.05
N LYS A 124 -7.96 10.03 8.50
CA LYS A 124 -6.89 10.32 9.44
C LYS A 124 -5.63 10.89 8.78
N PHE A 125 -5.39 10.49 7.55
CA PHE A 125 -4.13 10.81 6.88
C PHE A 125 -4.16 12.10 6.05
N PHE A 126 -5.24 12.32 5.31
CA PHE A 126 -5.32 13.46 4.41
C PHE A 126 -6.04 14.61 5.05
N PRO A 127 -5.42 15.79 5.10
CA PRO A 127 -6.14 16.97 5.56
C PRO A 127 -7.22 17.31 4.55
N SER A 128 -8.32 17.88 5.04
N SER A 128 -8.32 17.89 5.03
CA SER A 128 -9.42 18.21 4.16
CA SER A 128 -9.44 18.20 4.16
C SER A 128 -8.93 19.11 3.03
C SER A 128 -9.03 19.16 3.05
N GLY A 129 -9.32 18.79 1.82
CA GLY A 129 -8.94 19.56 0.66
C GLY A 129 -7.67 19.13 -0.04
N HIS A 130 -6.96 18.15 0.54
CA HIS A 130 -5.68 17.69 -0.01
C HIS A 130 -5.64 16.18 -0.04
N GLY A 131 -6.09 15.61 -1.16
CA GLY A 131 -6.28 14.19 -1.28
C GLY A 131 -5.19 13.44 -1.99
N ALA A 132 -4.02 14.06 -2.16
CA ALA A 132 -2.85 13.41 -2.73
C ALA A 132 -1.65 14.09 -2.14
N LEU A 133 -0.71 13.31 -1.66
CA LEU A 133 0.46 13.82 -0.94
C LEU A 133 1.69 13.02 -1.33
N THR A 134 2.87 13.54 -1.00
CA THR A 134 4.07 12.72 -0.98
C THR A 134 4.66 12.76 0.43
N GLY A 135 5.56 11.82 0.70
CA GLY A 135 6.13 11.68 2.02
C GLY A 135 6.96 10.41 2.12
N THR A 136 6.86 9.76 3.26
CA THR A 136 7.72 8.63 3.57
C THR A 136 6.92 7.47 4.13
N PHE A 137 7.52 6.29 4.10
CA PHE A 137 6.96 5.12 4.75
C PHE A 137 8.06 4.33 5.42
N THR A 138 7.66 3.52 6.40
N THR A 138 7.69 3.63 6.49
CA THR A 138 8.59 2.65 7.08
CA THR A 138 8.54 2.61 7.08
C THR A 138 7.81 1.42 7.54
C THR A 138 7.70 1.39 7.42
N GLU A 139 8.31 0.24 7.21
CA GLU A 139 7.68 -1.01 7.63
C GLU A 139 7.81 -1.16 9.14
N VAL A 140 6.74 -1.55 9.79
CA VAL A 140 6.69 -1.76 11.22
C VAL A 140 6.09 -3.11 11.52
N SER A 141 6.23 -3.55 12.76
CA SER A 141 5.50 -4.73 13.21
C SER A 141 4.00 -4.46 13.12
N CYS A 142 3.26 -5.48 12.75
CA CYS A 142 1.79 -5.37 12.78
C CYS A 142 1.22 -5.30 14.19
N SER A 143 2.07 -5.41 15.22
CA SER A 143 1.63 -5.07 16.57
C SER A 143 1.14 -3.61 16.63
N GLN A 144 1.59 -2.77 15.69
CA GLN A 144 1.26 -1.36 15.66
C GLN A 144 -0.02 -1.08 14.86
N TRP A 145 -0.65 -2.12 14.33
CA TRP A 145 -1.87 -2.00 13.52
C TRP A 145 -3.04 -2.53 14.31
N SER A 146 -4.17 -1.85 14.19
N SER A 146 -4.19 -1.86 14.20
N SER A 146 -4.19 -1.87 14.17
CA SER A 146 -5.41 -2.25 14.84
CA SER A 146 -5.39 -2.28 14.91
CA SER A 146 -5.41 -2.25 14.87
C SER A 146 -6.36 -2.85 13.82
C SER A 146 -6.49 -2.74 13.94
C SER A 146 -6.44 -2.78 13.88
N GLY A 147 -7.03 -3.92 14.20
CA GLY A 147 -8.09 -4.49 13.37
C GLY A 147 -8.00 -5.98 13.29
N SER A 148 -8.84 -6.55 12.44
N SER A 148 -8.82 -6.55 12.41
N SER A 148 -8.83 -6.55 12.42
CA SER A 148 -8.91 -7.99 12.25
CA SER A 148 -8.86 -7.98 12.23
CA SER A 148 -8.92 -7.99 12.24
C SER A 148 -8.90 -8.26 10.75
C SER A 148 -9.02 -8.31 10.75
C SER A 148 -9.06 -8.34 10.77
N ASP A 149 -8.47 -9.46 10.37
CA ASP A 149 -8.53 -9.88 8.98
C ASP A 149 -9.88 -10.51 8.67
N GLY A 150 -10.33 -10.30 7.45
CA GLY A 150 -11.49 -11.00 6.94
C GLY A 150 -11.15 -12.39 6.46
N GLY A 151 -12.21 -13.07 6.05
CA GLY A 151 -12.12 -14.42 5.54
C GLY A 151 -11.54 -14.49 4.14
N GLN A 152 -11.04 -15.66 3.81
CA GLN A 152 -10.50 -15.96 2.51
C GLN A 152 -11.60 -15.87 1.44
N LEU A 153 -11.36 -15.10 0.39
CA LEU A 153 -12.32 -14.91 -0.69
C LEU A 153 -12.15 -15.91 -1.85
N TRP A 154 -10.95 -16.46 -1.95
CA TRP A 154 -10.61 -17.47 -2.94
C TRP A 154 -9.39 -18.25 -2.48
N ASN A 155 -9.23 -19.46 -3.00
N ASN A 155 -9.22 -19.44 -3.04
CA ASN A 155 -8.09 -20.28 -2.67
CA ASN A 155 -8.08 -20.27 -2.69
C ASN A 155 -6.80 -19.60 -3.10
C ASN A 155 -6.79 -19.61 -3.11
N GLY A 156 -5.84 -19.59 -2.19
CA GLY A 156 -4.56 -18.96 -2.41
C GLY A 156 -4.44 -17.57 -1.81
N ALA A 157 -5.53 -17.07 -1.23
CA ALA A 157 -5.50 -15.79 -0.54
C ALA A 157 -4.46 -15.82 0.55
N CYS A 158 -3.82 -14.68 0.80
CA CYS A 158 -2.72 -14.65 1.72
C CYS A 158 -2.52 -13.26 2.32
N LEU A 159 -2.44 -13.20 3.65
CA LEU A 159 -1.99 -12.03 4.39
C LEU A 159 -0.85 -12.37 5.34
N SER A 160 -0.13 -13.46 5.05
N SER A 160 -0.13 -13.45 5.06
CA SER A 160 0.91 -13.96 5.94
CA SER A 160 0.88 -13.94 6.01
C SER A 160 2.04 -12.98 6.22
C SER A 160 2.12 -13.04 6.15
N GLY A 161 2.21 -11.97 5.37
CA GLY A 161 3.15 -10.91 5.66
C GLY A 161 2.93 -10.26 7.02
N GLU A 162 1.74 -10.40 7.58
CA GLU A 162 1.41 -9.79 8.86
C GLU A 162 2.21 -10.34 10.04
N THR A 163 2.83 -11.51 9.89
CA THR A 163 3.68 -12.07 10.94
C THR A 163 5.15 -12.18 10.53
N ALA A 164 5.52 -11.63 9.38
CA ALA A 164 6.85 -11.78 8.85
C ALA A 164 7.79 -10.70 9.37
N PRO A 165 9.09 -11.01 9.48
CA PRO A 165 10.07 -9.94 9.68
C PRO A 165 10.03 -8.97 8.49
N ASN A 166 10.54 -7.77 8.72
CA ASN A 166 10.57 -6.78 7.68
C ASN A 166 11.37 -7.25 6.47
N TRP A 167 11.03 -6.71 5.30
CA TRP A 167 11.84 -6.92 4.13
C TRP A 167 13.30 -6.51 4.41
N PRO A 168 14.26 -7.29 3.91
CA PRO A 168 14.09 -8.47 3.03
C PRO A 168 13.71 -9.71 3.82
N SER A 169 12.71 -10.39 3.28
CA SER A 169 12.17 -11.64 3.82
C SER A 169 11.08 -12.10 2.86
N THR A 170 10.56 -13.30 3.06
CA THR A 170 9.51 -13.83 2.22
C THR A 170 8.40 -14.37 3.10
N ALA A 171 7.18 -14.02 2.76
CA ALA A 171 6.00 -14.55 3.44
C ALA A 171 5.07 -15.13 2.36
N CYS A 172 4.14 -14.35 1.80
CA CYS A 172 3.29 -14.88 0.74
C CYS A 172 4.05 -15.23 -0.53
N GLY A 173 5.14 -14.51 -0.80
CA GLY A 173 5.93 -14.75 -1.99
C GLY A 173 5.46 -13.95 -3.20
N ASN A 174 6.39 -13.65 -4.08
CA ASN A 174 6.07 -12.94 -5.30
C ASN A 174 5.69 -13.91 -6.42
N LYS A 175 4.87 -13.41 -7.34
CA LYS A 175 4.38 -14.17 -8.47
C LYS A 175 4.78 -13.46 -9.75
N GLY A 176 5.25 -14.23 -10.72
CA GLY A 176 5.61 -13.68 -11.99
C GLY A 176 6.79 -12.74 -11.93
N THR A 177 6.89 -11.92 -12.96
CA THR A 177 7.97 -10.98 -13.13
C THR A 177 7.42 -9.56 -13.08
N ALA A 178 8.19 -8.69 -12.47
CA ALA A 178 7.87 -7.28 -12.37
C ALA A 178 7.68 -6.66 -13.74
N PRO A 179 6.83 -5.64 -13.81
CA PRO A 179 6.64 -4.99 -15.10
C PRO A 179 7.91 -4.28 -15.55
N SER A 180 8.21 -4.38 -16.85
CA SER A 180 9.42 -3.82 -17.42
C SER A 180 9.24 -2.37 -17.84
#